data_1BQU
#
_entry.id   1BQU
#
_cell.length_a   84.480
_cell.length_b   132.295
_cell.length_c   121.933
_cell.angle_alpha   90.00
_cell.angle_beta   90.00
_cell.angle_gamma   90.00
#
_symmetry.space_group_name_H-M   'C 2 2 21'
#
loop_
_entity.id
_entity.type
_entity.pdbx_description
1 polymer 'PROTEIN (GP130)'
2 non-polymer 'SULFATE ION'
3 non-polymer GLYCEROL
4 water water
#
_entity_poly.entity_id   1
_entity_poly.type   'polypeptide(L)'
_entity_poly.pdbx_seq_one_letter_code
;PGSSGLPPEKPKNLSCIVNEGKKMRCEWDGGRETHLETNFTLKSEWATHKFADCKAKRDTPTSCTVDYSTVYFVNIEVWV
EAENALGKVTSDHINFDPVYKVKPNPPHNLSVINSEELSSILKLTWTNPSIKSVIILKYNIQYRTKDASTWSQIPPEDTA
STRSSFTVQDLKPFTEYVFRIRCMKEDGKGYWSDWSEEASGITYEDRPSKEPSFW
;
_entity_poly.pdbx_strand_id   A,B
#
# COMPACT_ATOMS: atom_id res chain seq x y z
N GLY A 5 7.14 -44.37 17.02
CA GLY A 5 8.11 -43.80 16.03
C GLY A 5 7.65 -43.93 14.59
N LEU A 6 7.31 -42.80 13.97
CA LEU A 6 6.85 -42.78 12.58
C LEU A 6 7.49 -41.63 11.82
N PRO A 7 7.70 -41.79 10.51
CA PRO A 7 8.29 -40.72 9.70
C PRO A 7 7.22 -39.62 9.53
N PRO A 8 7.64 -38.35 9.32
CA PRO A 8 6.61 -37.32 9.15
C PRO A 8 5.83 -37.49 7.86
N GLU A 9 4.53 -37.21 7.94
CA GLU A 9 3.66 -37.30 6.78
C GLU A 9 3.90 -36.07 5.91
N LYS A 10 3.67 -36.19 4.62
CA LYS A 10 3.83 -35.08 3.69
C LYS A 10 2.86 -33.96 4.09
N PRO A 11 3.38 -32.76 4.39
CA PRO A 11 2.51 -31.63 4.79
C PRO A 11 1.53 -31.29 3.67
N LYS A 12 0.28 -31.01 4.02
CA LYS A 12 -0.75 -30.70 3.05
C LYS A 12 -1.48 -29.39 3.33
N ASN A 13 -2.22 -28.92 2.32
CA ASN A 13 -3.01 -27.70 2.39
C ASN A 13 -2.22 -26.46 2.78
N LEU A 14 -1.07 -26.29 2.14
CA LEU A 14 -0.21 -25.15 2.37
C LEU A 14 -0.83 -23.91 1.71
N SER A 15 -0.88 -22.82 2.47
CA SER A 15 -1.41 -21.55 1.95
C SER A 15 -0.70 -20.42 2.66
N CYS A 16 -0.56 -19.29 1.98
CA CYS A 16 0.10 -18.13 2.56
C CYS A 16 -0.80 -16.90 2.52
N ILE A 17 -0.53 -15.98 3.42
CA ILE A 17 -1.30 -14.74 3.54
C ILE A 17 -0.35 -13.61 3.91
N VAL A 18 -0.53 -12.47 3.26
CA VAL A 18 0.29 -11.31 3.52
C VAL A 18 -0.61 -10.24 4.12
N ASN A 19 -0.61 -10.15 5.45
CA ASN A 19 -1.40 -9.12 6.11
C ASN A 19 -0.67 -7.83 5.75
N GLU A 20 -1.42 -6.82 5.30
CA GLU A 20 -0.84 -5.55 4.88
C GLU A 20 0.18 -5.00 5.87
N GLY A 21 1.37 -4.67 5.36
CA GLY A 21 2.44 -4.13 6.19
C GLY A 21 3.18 -5.16 7.02
N LYS A 22 2.68 -6.39 7.04
CA LYS A 22 3.29 -7.46 7.82
C LYS A 22 4.01 -8.45 6.93
N LYS A 23 4.85 -9.27 7.54
CA LYS A 23 5.60 -10.27 6.80
C LYS A 23 4.68 -11.44 6.49
N MET A 24 4.95 -12.11 5.39
CA MET A 24 4.14 -13.24 4.94
C MET A 24 4.11 -14.39 5.93
N ARG A 25 2.94 -14.98 6.11
CA ARG A 25 2.76 -16.11 7.00
C ARG A 25 2.14 -17.25 6.24
N CYS A 26 2.70 -18.45 6.40
CA CYS A 26 2.15 -19.61 5.71
C CYS A 26 1.65 -20.61 6.74
N GLU A 27 0.66 -21.38 6.35
CA GLU A 27 0.02 -22.35 7.23
C GLU A 27 -0.19 -23.67 6.51
N TRP A 28 -0.13 -24.77 7.25
CA TRP A 28 -0.31 -26.10 6.68
C TRP A 28 -0.83 -27.11 7.70
N ASP A 29 -1.10 -28.33 7.22
CA ASP A 29 -1.58 -29.41 8.08
C ASP A 29 -0.40 -30.37 8.27
N GLY A 30 0.10 -30.44 9.49
CA GLY A 30 1.22 -31.31 9.80
C GLY A 30 0.97 -32.79 9.60
N GLY A 31 -0.27 -33.22 9.79
CA GLY A 31 -0.62 -34.62 9.61
C GLY A 31 -0.51 -35.48 10.85
N ARG A 32 -0.43 -36.79 10.63
CA ARG A 32 -0.34 -37.80 11.69
C ARG A 32 0.73 -37.55 12.73
N GLU A 33 0.40 -37.90 13.98
CA GLU A 33 1.34 -37.76 15.09
C GLU A 33 2.49 -38.75 14.86
N THR A 34 3.71 -38.23 14.80
CA THR A 34 4.89 -39.06 14.56
C THR A 34 5.48 -39.67 15.83
N HIS A 35 5.11 -39.11 16.98
CA HIS A 35 5.60 -39.56 18.28
C HIS A 35 7.10 -39.31 18.45
N LEU A 36 7.66 -38.53 17.54
CA LEU A 36 9.08 -38.15 17.55
C LEU A 36 9.15 -36.64 17.41
N GLU A 37 10.28 -36.05 17.81
CA GLU A 37 10.45 -34.61 17.69
C GLU A 37 10.59 -34.30 16.20
N THR A 38 9.63 -33.56 15.66
CA THR A 38 9.62 -33.22 14.25
C THR A 38 9.74 -31.73 14.02
N ASN A 39 10.55 -31.36 13.04
CA ASN A 39 10.75 -29.97 12.69
C ASN A 39 10.02 -29.65 11.39
N PHE A 40 9.49 -28.44 11.31
CA PHE A 40 8.77 -27.96 10.13
C PHE A 40 9.44 -26.67 9.67
N THR A 41 9.96 -26.69 8.45
CA THR A 41 10.65 -25.53 7.89
C THR A 41 9.98 -25.06 6.60
N LEU A 42 9.60 -23.79 6.60
CA LEU A 42 8.97 -23.16 5.45
C LEU A 42 10.07 -22.68 4.52
N LYS A 43 10.19 -23.33 3.38
CA LYS A 43 11.19 -22.99 2.39
C LYS A 43 10.54 -22.09 1.33
N SER A 44 11.19 -20.99 1.00
CA SER A 44 10.65 -20.07 -0.01
C SER A 44 11.78 -19.51 -0.85
N GLU A 45 11.47 -19.12 -2.08
CA GLU A 45 12.49 -18.57 -2.96
C GLU A 45 12.00 -18.04 -4.31
N TRP A 46 12.66 -16.98 -4.78
CA TRP A 46 12.39 -16.43 -6.10
C TRP A 46 13.28 -17.26 -7.01
N ALA A 47 13.00 -17.27 -8.30
CA ALA A 47 13.82 -18.03 -9.24
C ALA A 47 15.24 -17.47 -9.23
N THR A 48 15.36 -16.22 -8.77
CA THR A 48 16.63 -15.50 -8.70
C THR A 48 17.26 -15.41 -7.30
N HIS A 49 16.55 -15.86 -6.27
CA HIS A 49 17.09 -15.78 -4.91
C HIS A 49 16.43 -16.71 -3.91
N LYS A 50 17.26 -17.46 -3.20
CA LYS A 50 16.78 -18.40 -2.18
C LYS A 50 16.64 -17.63 -0.87
N PHE A 51 15.43 -17.59 -0.34
CA PHE A 51 15.17 -16.89 0.91
C PHE A 51 15.58 -17.70 2.13
N ALA A 52 15.48 -17.09 3.31
CA ALA A 52 15.86 -17.74 4.56
C ALA A 52 14.76 -18.68 5.02
N ASP A 53 15.16 -19.88 5.41
CA ASP A 53 14.23 -20.88 5.89
C ASP A 53 13.54 -20.31 7.11
N CYS A 54 12.27 -20.66 7.27
CA CYS A 54 11.50 -20.21 8.42
C CYS A 54 11.17 -21.45 9.23
N LYS A 55 11.82 -21.58 10.38
CA LYS A 55 11.57 -22.74 11.25
C LYS A 55 10.37 -22.43 12.15
N ALA A 56 9.37 -23.30 12.09
CA ALA A 56 8.16 -23.13 12.88
C ALA A 56 8.42 -23.30 14.38
N LYS A 57 7.87 -22.40 15.19
CA LYS A 57 8.04 -22.45 16.64
C LYS A 57 7.37 -23.69 17.24
N ARG A 58 7.77 -24.02 18.46
CA ARG A 58 7.23 -25.19 19.15
C ARG A 58 5.73 -25.10 19.44
N ASP A 59 5.28 -23.95 19.95
CA ASP A 59 3.88 -23.73 20.28
C ASP A 59 2.94 -23.70 19.07
N THR A 60 3.49 -23.32 17.92
CA THR A 60 2.75 -23.23 16.68
C THR A 60 3.53 -23.88 15.53
N PRO A 61 3.56 -25.22 15.51
CA PRO A 61 4.25 -26.06 14.54
C PRO A 61 3.69 -26.12 13.11
N THR A 62 2.47 -25.63 12.91
CA THR A 62 1.86 -25.65 11.59
C THR A 62 1.76 -24.26 10.97
N SER A 63 2.63 -23.36 11.40
CA SER A 63 2.63 -22.00 10.89
C SER A 63 4.01 -21.37 11.00
N CYS A 64 4.30 -20.43 10.09
CA CYS A 64 5.56 -19.71 10.08
C CYS A 64 5.43 -18.36 9.41
N THR A 65 6.04 -17.35 10.03
CA THR A 65 6.04 -16.00 9.52
C THR A 65 7.48 -15.70 9.13
N VAL A 66 7.69 -15.48 7.84
CA VAL A 66 9.01 -15.21 7.28
C VAL A 66 9.68 -13.94 7.82
N ASP A 67 11.00 -13.83 7.63
CA ASP A 67 11.73 -12.68 8.11
C ASP A 67 12.05 -11.64 7.03
N TYR A 68 11.59 -11.89 5.81
CA TYR A 68 11.81 -10.96 4.73
C TYR A 68 10.56 -10.15 4.42
N SER A 69 10.76 -8.94 3.92
CA SER A 69 9.65 -8.08 3.57
C SER A 69 9.05 -8.54 2.23
N THR A 70 7.74 -8.35 2.11
CA THR A 70 6.99 -8.74 0.92
C THR A 70 7.33 -7.89 -0.30
N VAL A 71 7.50 -8.55 -1.44
CA VAL A 71 7.77 -7.88 -2.69
C VAL A 71 6.68 -8.30 -3.65
N TYR A 72 5.77 -7.39 -3.92
CA TYR A 72 4.67 -7.67 -4.83
C TYR A 72 5.16 -7.67 -6.27
N PHE A 73 4.40 -8.36 -7.12
CA PHE A 73 4.66 -8.46 -8.55
C PHE A 73 5.78 -9.41 -8.95
N VAL A 74 6.19 -10.27 -8.01
CA VAL A 74 7.24 -11.24 -8.25
C VAL A 74 6.75 -12.57 -7.68
N ASN A 75 6.74 -13.60 -8.52
CA ASN A 75 6.30 -14.93 -8.09
C ASN A 75 7.31 -15.54 -7.15
N ILE A 76 6.83 -16.28 -6.17
CA ILE A 76 7.70 -16.90 -5.18
C ILE A 76 7.30 -18.35 -5.01
N GLU A 77 8.31 -19.22 -4.96
CA GLU A 77 8.13 -20.66 -4.78
C GLU A 77 8.16 -20.93 -3.27
N VAL A 78 7.16 -21.65 -2.78
CA VAL A 78 7.05 -21.94 -1.34
C VAL A 78 6.66 -23.39 -1.07
N TRP A 79 7.27 -23.98 -0.05
CA TRP A 79 6.94 -25.35 0.34
C TRP A 79 7.36 -25.59 1.78
N VAL A 80 6.84 -26.67 2.36
CA VAL A 80 7.14 -27.03 3.74
C VAL A 80 7.93 -28.33 3.78
N GLU A 81 8.96 -28.35 4.62
CA GLU A 81 9.80 -29.53 4.77
C GLU A 81 9.68 -30.03 6.20
N ALA A 82 9.10 -31.21 6.37
CA ALA A 82 8.94 -31.83 7.68
C ALA A 82 10.07 -32.82 7.87
N GLU A 83 10.62 -32.91 9.08
CA GLU A 83 11.73 -33.82 9.31
C GLU A 83 11.97 -34.28 10.75
N ASN A 84 12.08 -35.60 10.91
CA ASN A 84 12.42 -36.21 12.19
C ASN A 84 13.47 -37.29 11.92
N ALA A 85 13.84 -38.07 12.93
CA ALA A 85 14.86 -39.11 12.77
C ALA A 85 14.52 -40.19 11.75
N LEU A 86 13.25 -40.37 11.44
CA LEU A 86 12.86 -41.40 10.48
C LEU A 86 12.74 -40.93 9.03
N GLY A 87 12.96 -39.65 8.78
CA GLY A 87 12.89 -39.17 7.42
C GLY A 87 12.58 -37.71 7.19
N LYS A 88 12.75 -37.29 5.94
CA LYS A 88 12.49 -35.93 5.53
C LYS A 88 11.48 -35.98 4.39
N VAL A 89 10.50 -35.08 4.44
CA VAL A 89 9.47 -35.02 3.40
C VAL A 89 9.05 -33.58 3.16
N THR A 90 8.75 -33.25 1.90
CA THR A 90 8.31 -31.92 1.56
C THR A 90 6.91 -31.96 0.99
N SER A 91 6.18 -30.87 1.17
CA SER A 91 4.82 -30.75 0.67
C SER A 91 4.93 -30.41 -0.82
N ASP A 92 3.79 -30.34 -1.51
CA ASP A 92 3.81 -29.93 -2.90
C ASP A 92 4.16 -28.45 -2.87
N HIS A 93 4.95 -28.01 -3.83
CA HIS A 93 5.34 -26.60 -3.89
C HIS A 93 4.18 -25.78 -4.43
N ILE A 94 4.07 -24.55 -3.97
CA ILE A 94 3.06 -23.64 -4.47
C ILE A 94 3.85 -22.46 -5.00
N ASN A 95 3.32 -21.84 -6.05
CA ASN A 95 3.99 -20.70 -6.66
C ASN A 95 2.94 -19.61 -6.82
N PHE A 96 3.25 -18.41 -6.37
CA PHE A 96 2.31 -17.32 -6.45
C PHE A 96 2.96 -15.97 -6.29
N ASP A 97 2.21 -14.95 -6.67
CA ASP A 97 2.63 -13.58 -6.54
C ASP A 97 1.89 -13.14 -5.26
N PRO A 98 2.63 -12.63 -4.25
CA PRO A 98 2.04 -12.19 -2.99
C PRO A 98 0.89 -11.19 -3.16
N VAL A 99 0.83 -10.54 -4.31
CA VAL A 99 -0.21 -9.55 -4.59
C VAL A 99 -1.61 -10.19 -4.59
N TYR A 100 -1.66 -11.51 -4.76
CA TYR A 100 -2.93 -12.24 -4.77
C TYR A 100 -3.21 -12.95 -3.44
N LYS A 101 -2.42 -12.65 -2.41
CA LYS A 101 -2.57 -13.26 -1.10
C LYS A 101 -2.68 -12.21 0.01
N VAL A 102 -3.02 -10.99 -0.38
CA VAL A 102 -3.11 -9.88 0.58
C VAL A 102 -4.41 -9.80 1.37
N LYS A 103 -4.28 -9.48 2.66
CA LYS A 103 -5.42 -9.25 3.52
C LYS A 103 -5.17 -7.82 3.92
N PRO A 104 -5.87 -6.88 3.28
CA PRO A 104 -5.69 -5.45 3.59
C PRO A 104 -6.12 -5.11 5.00
N ASN A 105 -5.73 -3.92 5.45
CA ASN A 105 -6.16 -3.42 6.75
C ASN A 105 -7.54 -2.92 6.42
N PRO A 106 -8.48 -3.00 7.37
CA PRO A 106 -9.80 -2.50 7.02
C PRO A 106 -9.78 -1.01 6.76
N PRO A 107 -10.75 -0.50 5.97
CA PRO A 107 -10.78 0.94 5.70
C PRO A 107 -10.98 1.61 7.06
N HIS A 108 -10.48 2.83 7.23
CA HIS A 108 -10.65 3.51 8.51
C HIS A 108 -11.34 4.86 8.36
N ASN A 109 -11.53 5.56 9.47
CA ASN A 109 -12.20 6.87 9.48
C ASN A 109 -13.59 6.80 8.86
N LEU A 110 -14.25 5.65 9.01
CA LEU A 110 -15.58 5.47 8.47
C LEU A 110 -16.50 6.47 9.17
N SER A 111 -17.10 7.34 8.37
CA SER A 111 -17.99 8.36 8.90
C SER A 111 -19.29 8.42 8.09
N VAL A 112 -20.39 8.76 8.77
CA VAL A 112 -21.70 8.86 8.13
C VAL A 112 -22.12 10.32 8.11
N ILE A 113 -22.30 10.86 6.90
CA ILE A 113 -22.69 12.26 6.67
C ILE A 113 -24.18 12.36 6.28
N ASN A 114 -24.80 13.49 6.62
CA ASN A 114 -26.19 13.75 6.28
C ASN A 114 -26.51 15.24 6.45
N SER A 115 -25.93 16.07 5.58
CA SER A 115 -26.14 17.51 5.64
C SER A 115 -27.28 17.96 4.71
N LEU A 118 -31.47 14.77 5.07
CA LEU A 118 -32.21 13.81 4.20
C LEU A 118 -32.86 12.70 5.02
N SER A 119 -33.99 12.19 4.55
CA SER A 119 -34.71 11.15 5.28
C SER A 119 -34.49 9.69 4.88
N SER A 120 -33.95 9.44 3.69
CA SER A 120 -33.74 8.06 3.25
C SER A 120 -32.36 7.87 2.65
N ILE A 121 -31.48 8.82 2.90
CA ILE A 121 -30.14 8.76 2.36
C ILE A 121 -29.05 9.11 3.38
N LEU A 122 -28.06 8.24 3.48
CA LEU A 122 -26.91 8.43 4.36
C LEU A 122 -25.64 8.21 3.56
N LYS A 123 -24.81 9.23 3.47
CA LYS A 123 -23.55 9.13 2.73
C LYS A 123 -22.44 8.60 3.64
N LEU A 124 -21.60 7.74 3.08
CA LEU A 124 -20.49 7.17 3.84
C LEU A 124 -19.18 7.64 3.22
N THR A 125 -18.20 7.92 4.07
CA THR A 125 -16.89 8.33 3.63
C THR A 125 -15.90 7.57 4.48
N TRP A 126 -14.74 7.22 3.92
CA TRP A 126 -13.73 6.49 4.67
C TRP A 126 -12.37 6.73 4.03
N THR A 127 -11.34 6.13 4.62
CA THR A 127 -9.98 6.23 4.10
C THR A 127 -9.54 4.81 3.80
N ASN A 128 -9.14 4.59 2.57
CA ASN A 128 -8.69 3.28 2.11
C ASN A 128 -7.27 2.98 2.59
N PRO A 129 -6.98 1.69 2.79
CA PRO A 129 -5.64 1.29 3.24
C PRO A 129 -4.63 1.68 2.16
N SER A 130 -3.37 1.83 2.55
CA SER A 130 -2.30 2.23 1.64
C SER A 130 -2.02 1.25 0.51
N ILE A 131 -2.49 0.01 0.66
CA ILE A 131 -2.30 -1.03 -0.34
C ILE A 131 -3.06 -0.71 -1.64
N LYS A 132 -3.86 0.36 -1.62
CA LYS A 132 -4.61 0.79 -2.80
C LYS A 132 -3.67 1.22 -3.93
N SER A 133 -2.41 1.45 -3.61
CA SER A 133 -1.44 1.85 -4.62
C SER A 133 -0.80 0.60 -5.24
N VAL A 134 -1.18 -0.56 -4.71
CA VAL A 134 -0.67 -1.86 -5.16
C VAL A 134 -1.80 -2.69 -5.80
N ILE A 135 -3.00 -2.55 -5.26
CA ILE A 135 -4.15 -3.29 -5.79
C ILE A 135 -5.37 -2.39 -5.87
N ILE A 136 -6.28 -2.75 -6.77
CA ILE A 136 -7.54 -2.02 -6.90
C ILE A 136 -8.41 -2.75 -5.85
N LEU A 137 -9.19 -2.00 -5.10
CA LEU A 137 -10.02 -2.56 -4.03
C LEU A 137 -11.49 -2.71 -4.34
N LYS A 138 -12.09 -3.77 -3.81
CA LYS A 138 -13.53 -3.99 -3.92
C LYS A 138 -13.98 -4.04 -2.45
N TYR A 139 -15.27 -3.84 -2.20
CA TYR A 139 -15.76 -3.80 -0.83
C TYR A 139 -17.02 -4.58 -0.57
N ASN A 140 -17.33 -4.67 0.71
CA ASN A 140 -18.53 -5.28 1.24
C ASN A 140 -18.94 -4.20 2.24
N ILE A 141 -20.01 -3.49 1.94
CA ILE A 141 -20.50 -2.46 2.85
C ILE A 141 -21.77 -3.05 3.48
N GLN A 142 -21.82 -3.07 4.80
CA GLN A 142 -22.99 -3.60 5.49
C GLN A 142 -23.61 -2.54 6.38
N TYR A 143 -24.93 -2.65 6.57
CA TYR A 143 -25.67 -1.70 7.39
C TYR A 143 -26.80 -2.41 8.14
N ARG A 144 -27.31 -1.76 9.16
CA ARG A 144 -28.41 -2.30 9.94
C ARG A 144 -28.95 -1.21 10.86
N THR A 145 -30.20 -1.36 11.25
CA THR A 145 -30.82 -0.40 12.14
C THR A 145 -30.19 -0.62 13.52
N LYS A 146 -30.02 0.46 14.26
CA LYS A 146 -29.43 0.44 15.60
C LYS A 146 -30.05 -0.59 16.55
N ASP A 147 -31.13 -1.25 16.13
CA ASP A 147 -31.82 -2.23 16.96
C ASP A 147 -31.82 -3.65 16.39
N ALA A 148 -31.54 -3.77 15.09
CA ALA A 148 -31.52 -5.08 14.43
C ALA A 148 -30.36 -5.95 14.88
N SER A 149 -30.54 -7.26 14.78
CA SER A 149 -29.50 -8.21 15.17
C SER A 149 -28.65 -8.58 13.96
N THR A 150 -29.31 -8.73 12.81
CA THR A 150 -28.63 -9.09 11.57
C THR A 150 -28.20 -7.89 10.73
N TRP A 151 -27.19 -8.14 9.90
CA TRP A 151 -26.65 -7.11 9.01
C TRP A 151 -27.20 -7.29 7.59
N SER A 152 -27.42 -6.17 6.92
CA SER A 152 -27.89 -6.15 5.54
C SER A 152 -26.64 -5.80 4.74
N GLN A 153 -26.61 -6.13 3.46
CA GLN A 153 -25.43 -5.84 2.65
C GLN A 153 -25.76 -5.16 1.33
N ILE A 154 -24.96 -4.15 0.98
CA ILE A 154 -25.11 -3.43 -0.27
C ILE A 154 -24.59 -4.36 -1.36
N PRO A 155 -25.32 -4.52 -2.48
CA PRO A 155 -24.86 -5.40 -3.56
C PRO A 155 -23.38 -5.16 -3.86
N PRO A 156 -22.54 -6.20 -3.66
CA PRO A 156 -21.09 -6.10 -3.90
C PRO A 156 -20.70 -5.59 -5.29
N GLU A 157 -21.61 -5.75 -6.25
CA GLU A 157 -21.36 -5.28 -7.63
C GLU A 157 -21.35 -3.75 -7.69
N ASP A 158 -21.98 -3.11 -6.71
CA ASP A 158 -22.04 -1.65 -6.66
C ASP A 158 -20.85 -1.03 -5.92
N THR A 159 -20.01 -1.88 -5.35
CA THR A 159 -18.82 -1.44 -4.62
C THR A 159 -17.67 -2.35 -5.04
N ALA A 160 -17.50 -2.48 -6.36
CA ALA A 160 -16.51 -3.36 -6.97
C ALA A 160 -15.14 -2.78 -7.29
N SER A 161 -14.95 -1.48 -7.11
CA SER A 161 -13.66 -0.85 -7.37
C SER A 161 -13.35 0.24 -6.37
N THR A 162 -12.07 0.59 -6.27
CA THR A 162 -11.60 1.58 -5.31
C THR A 162 -12.43 2.85 -5.27
N ARG A 163 -12.90 3.17 -4.07
CA ARG A 163 -13.70 4.37 -3.83
C ARG A 163 -13.57 4.71 -2.35
N SER A 164 -13.85 5.95 -1.99
CA SER A 164 -13.75 6.36 -0.60
C SER A 164 -15.05 6.96 -0.09
N SER A 165 -16.12 6.78 -0.85
CA SER A 165 -17.44 7.29 -0.49
C SER A 165 -18.53 6.44 -1.15
N PHE A 166 -19.70 6.42 -0.54
CA PHE A 166 -20.83 5.66 -1.05
C PHE A 166 -22.13 6.17 -0.44
N THR A 167 -23.08 6.49 -1.30
CA THR A 167 -24.36 6.97 -0.85
C THR A 167 -25.35 5.81 -0.74
N VAL A 168 -25.71 5.50 0.50
CA VAL A 168 -26.65 4.43 0.78
C VAL A 168 -28.05 5.03 0.75
N GLN A 169 -28.87 4.53 -0.16
CA GLN A 169 -30.22 5.02 -0.33
C GLN A 169 -31.27 3.98 0.01
N ASP A 170 -32.54 4.40 -0.05
CA ASP A 170 -33.69 3.56 0.23
C ASP A 170 -33.74 3.17 1.72
N LEU A 171 -33.26 4.08 2.56
CA LEU A 171 -33.27 3.84 4.00
C LEU A 171 -34.56 4.36 4.63
N LYS A 172 -34.93 3.80 5.78
CA LYS A 172 -36.14 4.22 6.50
C LYS A 172 -35.89 5.51 7.27
N PRO A 173 -36.85 6.44 7.25
CA PRO A 173 -36.72 7.72 7.96
C PRO A 173 -36.84 7.53 9.48
N PHE A 174 -36.43 8.54 10.24
CA PHE A 174 -36.47 8.51 11.71
C PHE A 174 -35.75 7.26 12.23
N THR A 175 -34.57 6.98 11.69
CA THR A 175 -33.83 5.79 12.09
C THR A 175 -32.32 6.01 12.19
N GLU A 176 -31.70 5.36 13.18
CA GLU A 176 -30.26 5.43 13.34
C GLU A 176 -29.72 4.13 12.75
N TYR A 177 -28.76 4.27 11.84
CA TYR A 177 -28.16 3.12 11.19
C TYR A 177 -26.72 2.93 11.62
N VAL A 178 -26.29 1.69 11.61
CA VAL A 178 -24.92 1.31 11.97
C VAL A 178 -24.32 0.69 10.69
N PHE A 179 -23.14 1.15 10.30
CA PHE A 179 -22.45 0.66 9.11
C PHE A 179 -21.05 0.13 9.41
N ARG A 180 -20.56 -0.73 8.52
CA ARG A 180 -19.22 -1.29 8.62
C ARG A 180 -18.79 -1.66 7.20
N ILE A 181 -17.49 -1.64 6.95
CA ILE A 181 -16.98 -1.95 5.62
C ILE A 181 -15.67 -2.74 5.67
N ARG A 182 -15.50 -3.63 4.69
CA ARG A 182 -14.28 -4.42 4.58
C ARG A 182 -13.88 -4.42 3.11
N CYS A 183 -12.61 -4.69 2.83
CA CYS A 183 -12.13 -4.68 1.45
C CYS A 183 -11.13 -5.79 1.15
N MET A 184 -10.87 -5.98 -0.15
CA MET A 184 -9.91 -6.96 -0.64
C MET A 184 -9.64 -6.63 -2.10
N LYS A 185 -8.76 -7.39 -2.75
CA LYS A 185 -8.41 -7.16 -4.15
C LYS A 185 -9.66 -7.30 -5.04
N GLU A 186 -9.81 -6.39 -5.99
CA GLU A 186 -10.97 -6.33 -6.90
C GLU A 186 -11.32 -7.62 -7.65
N ASP A 187 -10.31 -8.42 -7.97
CA ASP A 187 -10.52 -9.67 -8.70
C ASP A 187 -10.89 -10.84 -7.79
N GLY A 188 -11.00 -10.58 -6.50
CA GLY A 188 -11.34 -11.63 -5.55
C GLY A 188 -10.23 -12.58 -5.19
N LYS A 189 -9.00 -12.27 -5.62
CA LYS A 189 -7.85 -13.10 -5.32
C LYS A 189 -7.14 -12.49 -4.12
N GLY A 190 -7.36 -13.09 -2.95
CA GLY A 190 -6.75 -12.61 -1.74
C GLY A 190 -7.66 -12.92 -0.57
N TYR A 191 -7.60 -12.09 0.47
CA TYR A 191 -8.42 -12.29 1.66
C TYR A 191 -9.12 -11.00 2.05
N TRP A 192 -10.35 -11.12 2.55
CA TRP A 192 -11.09 -9.96 2.98
C TRP A 192 -10.45 -9.40 4.25
N SER A 193 -10.39 -8.08 4.35
CA SER A 193 -9.84 -7.44 5.52
C SER A 193 -10.84 -7.64 6.65
N ASP A 194 -10.45 -7.28 7.87
CA ASP A 194 -11.36 -7.37 9.00
C ASP A 194 -12.36 -6.26 8.77
N TRP A 195 -13.48 -6.31 9.48
CA TRP A 195 -14.48 -5.27 9.36
C TRP A 195 -13.90 -4.00 9.96
N SER A 196 -14.24 -2.86 9.36
CA SER A 196 -13.78 -1.57 9.86
C SER A 196 -14.50 -1.31 11.18
N GLU A 197 -14.12 -0.24 11.86
CA GLU A 197 -14.80 0.14 13.09
C GLU A 197 -16.15 0.64 12.62
N GLU A 198 -17.21 0.29 13.36
CA GLU A 198 -18.55 0.70 12.99
C GLU A 198 -18.75 2.22 13.07
N ALA A 199 -19.67 2.72 12.27
CA ALA A 199 -19.99 4.15 12.25
C ALA A 199 -21.51 4.25 12.23
N SER A 200 -22.04 5.31 12.82
CA SER A 200 -23.49 5.50 12.88
C SER A 200 -23.94 6.86 12.37
N GLY A 201 -25.21 6.93 12.01
CA GLY A 201 -25.79 8.17 11.51
C GLY A 201 -27.30 8.08 11.59
N ILE A 202 -27.99 9.23 11.58
CA ILE A 202 -29.45 9.22 11.65
C ILE A 202 -30.11 9.84 10.43
N THR A 203 -31.19 9.20 9.98
CA THR A 203 -31.97 9.69 8.86
C THR A 203 -33.02 10.63 9.45
N TYR A 204 -33.32 11.71 8.76
CA TYR A 204 -34.26 12.70 9.26
C TYR A 204 -35.75 12.44 9.02
N GLU A 205 -36.57 13.46 9.25
CA GLU A 205 -38.01 13.35 9.09
C GLU A 205 -38.53 13.17 7.69
N ASP A 206 -39.67 12.51 7.63
CA ASP A 206 -40.41 12.26 6.40
C ASP A 206 -41.84 12.24 6.90
N ARG A 207 -42.45 13.41 6.92
CA ARG A 207 -43.81 13.57 7.40
C ARG A 207 -44.80 12.62 6.72
N PRO A 208 -44.55 12.30 5.45
CA PRO A 208 -45.39 11.38 4.69
C PRO A 208 -45.31 9.96 5.26
N SER A 209 -44.11 9.55 5.67
CA SER A 209 -43.87 8.23 6.25
C SER A 209 -44.39 8.15 7.69
N LYS A 210 -44.53 9.30 8.34
CA LYS A 210 -45.04 9.37 9.70
C LYS A 210 -46.57 9.28 9.67
N GLU A 211 -47.17 9.85 8.64
CA GLU A 211 -48.63 9.83 8.47
C GLU A 211 -49.08 8.41 8.18
N PRO A 212 -48.34 7.72 7.30
CA PRO A 212 -48.65 6.35 6.92
C PRO A 212 -48.49 5.39 8.10
N SER A 213 -47.42 5.57 8.87
CA SER A 213 -47.15 4.70 10.02
C SER A 213 -48.05 4.98 11.23
N PHE A 214 -48.37 6.25 11.45
CA PHE A 214 -49.21 6.65 12.58
C PHE A 214 -50.70 6.63 12.22
N PRO B 1 12.30 32.76 28.08
CA PRO B 1 13.22 33.01 29.21
C PRO B 1 12.55 32.65 30.52
N GLY B 2 11.23 32.83 30.57
CA GLY B 2 10.46 32.50 31.75
C GLY B 2 10.21 31.00 31.85
N SER B 3 10.41 30.30 30.73
CA SER B 3 10.21 28.85 30.67
C SER B 3 11.34 28.08 31.34
N SER B 4 11.07 26.83 31.69
CA SER B 4 12.06 25.99 32.35
C SER B 4 12.75 25.04 31.38
N GLY B 5 14.08 24.98 31.46
CA GLY B 5 14.86 24.13 30.59
C GLY B 5 14.71 22.65 30.82
N LEU B 6 14.85 21.89 29.73
CA LEU B 6 14.74 20.43 29.76
C LEU B 6 15.82 19.80 28.89
N PRO B 7 16.21 18.56 29.20
CA PRO B 7 17.22 17.85 28.40
C PRO B 7 16.54 17.48 27.08
N PRO B 8 17.33 17.16 26.03
CA PRO B 8 16.73 16.79 24.75
C PRO B 8 16.11 15.40 24.79
N GLU B 9 14.92 15.25 24.22
CA GLU B 9 14.29 13.93 24.17
C GLU B 9 15.02 13.15 23.08
N LYS B 10 15.09 11.84 23.23
CA LYS B 10 15.75 10.99 22.24
C LYS B 10 15.01 11.18 20.92
N PRO B 11 15.72 11.62 19.86
CA PRO B 11 15.11 11.82 18.55
C PRO B 11 14.52 10.47 18.09
N LYS B 12 13.33 10.51 17.53
CA LYS B 12 12.66 9.30 17.09
C LYS B 12 12.10 9.44 15.67
N ASN B 13 11.72 8.31 15.08
CA ASN B 13 11.16 8.27 13.72
C ASN B 13 12.09 8.85 12.66
N LEU B 14 13.36 8.46 12.74
CA LEU B 14 14.36 8.90 11.79
C LEU B 14 14.14 8.18 10.47
N SER B 15 14.13 8.94 9.38
CA SER B 15 13.96 8.36 8.05
C SER B 15 14.69 9.25 7.05
N CYS B 16 15.22 8.66 5.99
CA CYS B 16 15.94 9.42 4.98
C CYS B 16 15.29 9.25 3.62
N ILE B 17 15.51 10.24 2.77
CA ILE B 17 14.95 10.23 1.44
C ILE B 17 15.91 10.86 0.45
N VAL B 18 16.08 10.19 -0.69
CA VAL B 18 16.93 10.70 -1.75
C VAL B 18 16.04 11.12 -2.91
N ASN B 19 15.77 12.41 -3.01
CA ASN B 19 14.97 12.91 -4.13
C ASN B 19 15.95 12.82 -5.29
N GLU B 20 15.50 12.24 -6.40
CA GLU B 20 16.36 12.05 -7.55
C GLU B 20 17.18 13.29 -7.92
N GLY B 21 18.48 13.08 -8.07
CA GLY B 21 19.38 14.17 -8.42
C GLY B 21 19.72 15.13 -7.29
N LYS B 22 19.15 14.89 -6.11
CA LYS B 22 19.42 15.74 -4.95
C LYS B 22 20.18 14.94 -3.91
N LYS B 23 20.81 15.63 -2.97
CA LYS B 23 21.56 14.97 -1.90
C LYS B 23 20.56 14.43 -0.87
N MET B 24 20.94 13.36 -0.19
CA MET B 24 20.09 12.72 0.80
C MET B 24 19.67 13.64 1.93
N ARG B 25 18.40 13.55 2.32
CA ARG B 25 17.84 14.34 3.40
C ARG B 25 17.19 13.42 4.42
N CYS B 26 17.45 13.66 5.71
CA CYS B 26 16.86 12.84 6.76
C CYS B 26 15.99 13.68 7.67
N GLU B 27 14.86 13.10 8.08
CA GLU B 27 13.90 13.76 8.94
C GLU B 27 13.76 12.97 10.23
N TRP B 28 13.31 13.65 11.29
CA TRP B 28 13.10 13.02 12.58
C TRP B 28 12.21 13.91 13.44
N ASP B 29 11.77 13.37 14.57
CA ASP B 29 10.94 14.14 15.50
C ASP B 29 11.83 14.53 16.69
N GLY B 30 12.03 15.83 16.86
CA GLY B 30 12.86 16.34 17.93
C GLY B 30 12.29 16.21 19.33
N GLY B 31 10.98 15.99 19.42
CA GLY B 31 10.34 15.85 20.72
C GLY B 31 9.82 17.16 21.26
N ARG B 32 9.64 17.21 22.58
CA ARG B 32 9.13 18.41 23.24
C ARG B 32 10.13 19.55 23.22
N GLU B 33 9.59 20.77 23.25
CA GLU B 33 10.40 21.99 23.27
C GLU B 33 11.23 21.95 24.57
N THR B 34 12.53 22.17 24.44
CA THR B 34 13.43 22.15 25.60
C THR B 34 13.72 23.55 26.12
N HIS B 35 13.40 24.56 25.31
CA HIS B 35 13.62 25.98 25.64
C HIS B 35 15.12 26.32 25.72
N LEU B 36 15.95 25.40 25.25
CA LEU B 36 17.40 25.58 25.28
C LEU B 36 18.07 25.52 23.91
N GLU B 37 17.29 25.75 22.84
CA GLU B 37 17.82 25.74 21.48
C GLU B 37 18.67 24.50 21.23
N THR B 38 18.02 23.34 21.18
CA THR B 38 18.72 22.07 20.97
C THR B 38 19.41 21.98 19.61
N ASN B 39 20.66 21.54 19.62
CA ASN B 39 21.45 21.38 18.41
C ASN B 39 21.41 19.94 17.92
N PHE B 40 20.88 19.75 16.71
CA PHE B 40 20.78 18.42 16.10
C PHE B 40 21.88 18.17 15.08
N THR B 41 22.49 17.00 15.16
CA THR B 41 23.56 16.62 14.25
C THR B 41 23.29 15.27 13.62
N LEU B 42 23.14 15.26 12.30
CA LEU B 42 22.90 14.02 11.57
C LEU B 42 24.24 13.38 11.28
N LYS B 43 24.46 12.21 11.87
CA LYS B 43 25.69 11.47 11.67
C LYS B 43 25.42 10.36 10.66
N SER B 44 26.37 10.13 9.77
CA SER B 44 26.24 9.08 8.77
C SER B 44 27.61 8.55 8.42
N GLU B 45 27.67 7.28 8.02
CA GLU B 45 28.94 6.68 7.68
C GLU B 45 28.79 5.33 6.99
N TRP B 46 29.73 5.05 6.08
CA TRP B 46 29.79 3.75 5.41
C TRP B 46 30.69 2.95 6.34
N ALA B 47 30.61 1.63 6.26
CA ALA B 47 31.48 0.78 7.07
C ALA B 47 32.93 1.05 6.69
N THR B 48 33.11 1.70 5.54
CA THR B 48 34.42 2.05 4.99
C THR B 48 34.75 3.55 5.00
N HIS B 49 33.92 4.37 5.67
CA HIS B 49 34.15 5.82 5.68
C HIS B 49 33.16 6.59 6.56
N LYS B 50 33.65 7.66 7.19
CA LYS B 50 32.81 8.52 8.03
C LYS B 50 32.55 9.83 7.29
N PHE B 51 31.28 10.09 7.00
CA PHE B 51 30.90 11.30 6.28
C PHE B 51 30.80 12.51 7.19
N ALA B 52 30.77 13.69 6.58
CA ALA B 52 30.68 14.93 7.32
C ALA B 52 29.36 15.02 8.09
N ASP B 53 29.43 15.48 9.33
CA ASP B 53 28.24 15.64 10.16
C ASP B 53 27.36 16.67 9.50
N CYS B 54 26.05 16.47 9.57
CA CYS B 54 25.11 17.41 8.99
C CYS B 54 24.49 18.19 10.15
N LYS B 55 24.74 19.49 10.20
CA LYS B 55 24.22 20.36 11.25
C LYS B 55 22.86 20.92 10.85
N ALA B 56 21.81 20.50 11.55
CA ALA B 56 20.46 20.98 11.26
C ALA B 56 20.40 22.49 11.45
N LYS B 57 19.82 23.18 10.47
CA LYS B 57 19.71 24.63 10.51
C LYS B 57 18.68 25.13 11.54
N ARG B 58 18.76 26.42 11.86
CA ARG B 58 17.86 27.05 12.84
C ARG B 58 16.37 26.94 12.48
N ASP B 59 16.04 27.30 11.24
CA ASP B 59 14.66 27.27 10.74
C ASP B 59 14.06 25.86 10.76
N THR B 60 14.87 24.87 10.36
CA THR B 60 14.45 23.47 10.29
C THR B 60 15.38 22.59 11.12
N PRO B 61 15.19 22.59 12.46
CA PRO B 61 16.01 21.79 13.39
C PRO B 61 15.81 20.27 13.32
N THR B 62 14.69 19.82 12.75
CA THR B 62 14.43 18.39 12.67
C THR B 62 14.59 17.83 11.26
N SER B 63 15.48 18.43 10.49
CA SER B 63 15.75 18.03 9.12
C SER B 63 17.18 18.39 8.72
N CYS B 64 17.79 17.59 7.85
CA CYS B 64 19.14 17.88 7.38
C CYS B 64 19.46 17.21 6.05
N THR B 65 20.03 17.98 5.14
CA THR B 65 20.43 17.47 3.84
C THR B 65 21.95 17.39 3.85
N VAL B 66 22.45 16.17 3.69
CA VAL B 66 23.88 15.92 3.71
C VAL B 66 24.69 16.69 2.66
N ASP B 67 26.00 16.70 2.86
CA ASP B 67 26.95 17.41 2.01
C ASP B 67 27.52 16.57 0.86
N TYR B 68 27.42 15.25 0.96
CA TYR B 68 27.97 14.35 -0.05
C TYR B 68 26.97 13.83 -1.08
N SER B 69 27.48 13.50 -2.26
CA SER B 69 26.66 12.96 -3.36
C SER B 69 26.24 11.54 -3.01
N THR B 70 25.02 11.18 -3.41
CA THR B 70 24.51 9.86 -3.14
C THR B 70 25.27 8.82 -3.94
N VAL B 71 25.59 7.71 -3.27
CA VAL B 71 26.29 6.61 -3.92
C VAL B 71 25.43 5.38 -3.65
N TYR B 72 24.70 4.98 -4.68
CA TYR B 72 23.83 3.83 -4.59
C TYR B 72 24.60 2.53 -4.48
N PHE B 73 23.92 1.52 -3.95
CA PHE B 73 24.48 0.18 -3.80
C PHE B 73 25.47 -0.02 -2.66
N VAL B 74 25.50 0.94 -1.73
CA VAL B 74 26.38 0.89 -0.56
C VAL B 74 25.55 1.30 0.67
N ASN B 75 25.57 0.45 1.70
CA ASN B 75 24.85 0.72 2.94
C ASN B 75 25.49 1.79 3.80
N ILE B 76 24.67 2.67 4.35
CA ILE B 76 25.12 3.74 5.23
C ILE B 76 24.43 3.62 6.58
N GLU B 77 25.18 3.96 7.63
CA GLU B 77 24.70 3.94 9.01
C GLU B 77 24.34 5.39 9.30
N VAL B 78 23.13 5.64 9.77
CA VAL B 78 22.68 6.99 10.05
C VAL B 78 21.97 7.11 11.40
N TRP B 79 22.18 8.23 12.08
CA TRP B 79 21.56 8.49 13.37
C TRP B 79 21.65 9.97 13.68
N VAL B 80 20.83 10.43 14.63
CA VAL B 80 20.84 11.84 15.01
C VAL B 80 21.15 12.01 16.48
N GLU B 81 21.97 13.01 16.79
CA GLU B 81 22.29 13.29 18.18
C GLU B 81 21.81 14.70 18.50
N ALA B 82 20.99 14.79 19.54
CA ALA B 82 20.44 16.06 19.99
C ALA B 82 21.21 16.54 21.23
N GLU B 83 21.48 17.83 21.31
CA GLU B 83 22.21 18.36 22.44
C GLU B 83 21.92 19.81 22.83
N ASN B 84 21.79 20.03 24.12
CA ASN B 84 21.58 21.35 24.69
C ASN B 84 22.36 21.36 26.00
N ALA B 85 22.27 22.44 26.77
CA ALA B 85 22.99 22.55 28.03
C ALA B 85 22.74 21.38 28.99
N LEU B 86 21.49 20.95 29.08
CA LEU B 86 21.10 19.87 29.98
C LEU B 86 21.39 18.43 29.59
N GLY B 87 21.88 18.22 28.37
CA GLY B 87 22.20 16.85 27.98
C GLY B 87 22.37 16.59 26.49
N LYS B 88 22.90 15.40 26.20
CA LYS B 88 23.12 14.92 24.84
C LYS B 88 22.52 13.53 24.75
N VAL B 89 21.72 13.30 23.71
CA VAL B 89 21.08 12.01 23.50
C VAL B 89 21.11 11.65 22.02
N THR B 90 21.24 10.36 21.71
CA THR B 90 21.27 9.92 20.32
C THR B 90 20.07 9.03 20.00
N SER B 91 19.60 9.12 18.77
CA SER B 91 18.47 8.30 18.33
C SER B 91 19.00 6.91 18.03
N ASP B 92 18.09 6.00 17.68
CA ASP B 92 18.50 4.66 17.31
C ASP B 92 19.13 4.77 15.93
N HIS B 93 20.08 3.89 15.63
CA HIS B 93 20.73 3.92 14.32
C HIS B 93 19.90 3.17 13.28
N ILE B 94 19.90 3.69 12.05
CA ILE B 94 19.22 3.03 10.95
C ILE B 94 20.30 2.75 9.91
N ASN B 95 20.20 1.60 9.25
CA ASN B 95 21.18 1.21 8.25
C ASN B 95 20.44 0.86 6.97
N PHE B 96 20.85 1.45 5.85
CA PHE B 96 20.18 1.20 4.59
C PHE B 96 21.01 1.60 3.38
N ASP B 97 20.62 1.05 2.24
CA ASP B 97 21.26 1.36 0.97
C ASP B 97 20.30 2.42 0.42
N PRO B 98 20.82 3.60 0.04
CA PRO B 98 19.99 4.69 -0.50
C PRO B 98 19.16 4.32 -1.74
N VAL B 99 19.51 3.21 -2.39
CA VAL B 99 18.77 2.78 -3.57
C VAL B 99 17.33 2.43 -3.19
N TYR B 100 17.12 2.14 -1.90
CA TYR B 100 15.79 1.80 -1.39
C TYR B 100 15.08 3.00 -0.76
N LYS B 101 15.68 4.19 -0.87
CA LYS B 101 15.10 5.41 -0.29
C LYS B 101 14.91 6.50 -1.34
N VAL B 102 14.82 6.12 -2.60
CA VAL B 102 14.66 7.08 -3.68
C VAL B 102 13.23 7.54 -3.95
N LYS B 103 13.09 8.83 -4.23
CA LYS B 103 11.79 9.40 -4.62
C LYS B 103 12.12 9.96 -6.01
N PRO B 104 11.79 9.19 -7.06
CA PRO B 104 12.05 9.62 -8.42
C PRO B 104 11.29 10.88 -8.82
N ASN B 105 11.75 11.52 -9.88
CA ASN B 105 11.04 12.68 -10.43
C ASN B 105 9.89 12.01 -11.17
N PRO B 106 8.75 12.68 -11.30
CA PRO B 106 7.68 11.98 -12.04
C PRO B 106 8.00 11.84 -13.51
N PRO B 107 7.38 10.85 -14.19
CA PRO B 107 7.66 10.70 -15.62
C PRO B 107 7.28 12.02 -16.30
N HIS B 108 8.01 12.39 -17.34
CA HIS B 108 7.72 13.63 -18.04
C HIS B 108 7.39 13.38 -19.51
N ASN B 109 7.10 14.44 -20.27
CA ASN B 109 6.74 14.32 -21.67
C ASN B 109 5.52 13.43 -21.86
N LEU B 110 4.62 13.48 -20.89
CA LEU B 110 3.41 12.68 -20.95
C LEU B 110 2.49 13.22 -22.03
N SER B 111 2.10 12.32 -22.95
CA SER B 111 1.21 12.68 -24.03
C SER B 111 0.23 11.55 -24.29
N VAL B 112 -0.99 11.93 -24.65
CA VAL B 112 -2.07 11.00 -24.96
C VAL B 112 -2.29 11.04 -26.47
N ILE B 113 -2.31 9.88 -27.10
CA ILE B 113 -2.50 9.81 -28.54
C ILE B 113 -3.50 8.72 -28.93
N ASN B 114 -4.22 8.96 -30.02
CA ASN B 114 -5.17 7.98 -30.51
C ASN B 114 -4.37 6.93 -31.27
N SER B 115 -4.77 5.67 -31.14
CA SER B 115 -4.07 4.60 -31.82
C SER B 115 -5.03 3.46 -32.21
N GLU B 116 -4.60 2.64 -33.15
CA GLU B 116 -5.36 1.49 -33.62
C GLU B 116 -6.71 1.80 -34.29
N GLU B 117 -7.04 3.10 -34.41
CA GLU B 117 -8.29 3.56 -35.00
C GLU B 117 -9.53 3.26 -34.14
N LEU B 118 -9.32 2.67 -32.98
CA LEU B 118 -10.41 2.32 -32.07
C LEU B 118 -10.90 3.52 -31.28
N SER B 119 -12.21 3.61 -31.11
CA SER B 119 -12.83 4.71 -30.37
C SER B 119 -12.97 4.42 -28.87
N SER B 120 -12.40 3.29 -28.44
CA SER B 120 -12.47 2.88 -27.05
C SER B 120 -11.11 2.85 -26.36
N ILE B 121 -10.08 3.35 -27.04
CA ILE B 121 -8.74 3.37 -26.47
C ILE B 121 -8.00 4.69 -26.65
N LEU B 122 -7.00 4.89 -25.80
CA LEU B 122 -6.14 6.06 -25.84
C LEU B 122 -4.79 5.56 -25.35
N LYS B 123 -3.73 5.93 -26.05
CA LYS B 123 -2.39 5.49 -25.69
C LYS B 123 -1.57 6.57 -24.99
N LEU B 124 -0.86 6.16 -23.94
CA LEU B 124 -0.01 7.07 -23.19
C LEU B 124 1.44 6.75 -23.52
N THR B 125 2.23 7.80 -23.70
CA THR B 125 3.65 7.66 -23.97
C THR B 125 4.30 8.67 -23.03
N TRP B 126 5.50 8.38 -22.57
CA TRP B 126 6.21 9.28 -21.68
C TRP B 126 7.68 8.96 -21.61
N THR B 127 8.42 9.82 -20.93
CA THR B 127 9.85 9.63 -20.73
C THR B 127 10.07 9.38 -19.25
N ASN B 128 10.74 8.27 -18.93
CA ASN B 128 11.03 7.90 -17.56
C ASN B 128 12.20 8.73 -17.00
N PRO B 129 12.24 8.92 -15.67
CA PRO B 129 13.31 9.68 -15.03
C PRO B 129 14.63 8.92 -15.24
N SER B 130 15.76 9.62 -15.16
CA SER B 130 17.07 9.02 -15.38
C SER B 130 17.45 7.92 -14.40
N ILE B 131 16.80 7.92 -13.24
CA ILE B 131 17.05 6.93 -12.20
C ILE B 131 16.72 5.49 -12.66
N LYS B 132 16.11 5.37 -13.83
CA LYS B 132 15.74 4.06 -14.39
C LYS B 132 16.97 3.20 -14.65
N SER B 133 18.14 3.83 -14.69
CA SER B 133 19.40 3.11 -14.91
C SER B 133 19.98 2.61 -13.58
N VAL B 134 19.33 3.00 -12.48
CA VAL B 134 19.72 2.62 -11.11
C VAL B 134 18.66 1.70 -10.50
N ILE B 135 17.40 1.93 -10.85
CA ILE B 135 16.30 1.11 -10.35
C ILE B 135 15.27 0.78 -11.43
N ILE B 136 14.61 -0.36 -11.26
CA ILE B 136 13.55 -0.75 -12.18
C ILE B 136 12.36 0.01 -11.58
N LEU B 137 11.53 0.59 -12.44
CA LEU B 137 10.39 1.39 -11.98
C LEU B 137 9.03 0.71 -12.09
N LYS B 138 8.15 1.02 -11.16
CA LYS B 138 6.77 0.52 -11.20
C LYS B 138 5.95 1.81 -11.23
N TYR B 139 4.69 1.72 -11.63
CA TYR B 139 3.88 2.91 -11.75
C TYR B 139 2.47 2.77 -11.23
N ASN B 140 1.81 3.93 -11.16
CA ASN B 140 0.42 4.07 -10.80
C ASN B 140 -0.04 4.98 -11.94
N ILE B 141 -0.88 4.43 -12.81
CA ILE B 141 -1.42 5.21 -13.91
C ILE B 141 -2.88 5.48 -13.59
N GLN B 142 -3.26 6.76 -13.59
CA GLN B 142 -4.63 7.12 -13.31
C GLN B 142 -5.27 7.87 -14.47
N TYR B 143 -6.58 7.73 -14.59
CA TYR B 143 -7.30 8.39 -15.67
C TYR B 143 -8.72 8.71 -15.20
N ARG B 144 -9.37 9.62 -15.91
CA ARG B 144 -10.74 10.02 -15.61
C ARG B 144 -11.24 10.90 -16.75
N THR B 145 -12.55 10.97 -16.92
CA THR B 145 -13.11 11.84 -17.96
C THR B 145 -12.85 13.25 -17.44
N LYS B 146 -12.86 14.24 -18.33
CA LYS B 146 -12.63 15.62 -17.92
C LYS B 146 -13.60 16.09 -16.84
N ASP B 147 -14.86 15.66 -16.95
CA ASP B 147 -15.90 16.06 -16.00
C ASP B 147 -15.99 15.22 -14.73
N ALA B 148 -15.23 14.13 -14.67
CA ALA B 148 -15.24 13.25 -13.50
C ALA B 148 -14.70 13.95 -12.27
N SER B 149 -15.26 13.59 -11.12
CA SER B 149 -14.86 14.17 -9.84
C SER B 149 -13.76 13.33 -9.15
N THR B 150 -13.57 12.10 -9.61
CA THR B 150 -12.58 11.21 -9.03
C THR B 150 -11.68 10.55 -10.08
N TRP B 151 -10.57 9.99 -9.62
CA TRP B 151 -9.62 9.32 -10.48
C TRP B 151 -9.81 7.81 -10.46
N SER B 152 -9.59 7.18 -11.61
CA SER B 152 -9.68 5.74 -11.74
C SER B 152 -8.24 5.28 -11.88
N GLN B 153 -7.94 4.06 -11.49
CA GLN B 153 -6.56 3.60 -11.56
C GLN B 153 -6.37 2.27 -12.28
N ILE B 154 -5.34 2.22 -13.12
CA ILE B 154 -4.99 1.01 -13.84
C ILE B 154 -4.45 0.04 -12.79
N PRO B 155 -4.85 -1.24 -12.83
CA PRO B 155 -4.36 -2.21 -11.84
C PRO B 155 -2.82 -2.10 -11.75
N PRO B 156 -2.30 -1.74 -10.56
CA PRO B 156 -0.85 -1.61 -10.40
C PRO B 156 0.00 -2.79 -10.85
N GLU B 157 -0.57 -3.99 -10.86
CA GLU B 157 0.19 -5.17 -11.28
C GLU B 157 0.40 -5.20 -12.80
N ASP B 158 -0.31 -4.33 -13.52
CA ASP B 158 -0.20 -4.24 -14.98
C ASP B 158 0.80 -3.16 -15.41
N THR B 159 1.33 -2.44 -14.43
CA THR B 159 2.30 -1.37 -14.68
C THR B 159 3.36 -1.50 -13.57
N ALA B 160 3.83 -2.73 -13.38
CA ALA B 160 4.80 -3.05 -12.32
C ALA B 160 6.27 -3.09 -12.76
N SER B 161 6.54 -2.76 -14.01
CA SER B 161 7.90 -2.80 -14.50
C SER B 161 8.14 -1.62 -15.45
N THR B 162 9.40 -1.24 -15.61
CA THR B 162 9.77 -0.10 -16.46
C THR B 162 9.20 -0.20 -17.88
N ARG B 163 8.55 0.89 -18.28
CA ARG B 163 7.93 1.00 -19.60
C ARG B 163 7.77 2.49 -19.91
N SER B 164 7.54 2.80 -21.18
CA SER B 164 7.38 4.19 -21.60
C SER B 164 6.10 4.47 -22.37
N SER B 165 5.17 3.52 -22.32
CA SER B 165 3.87 3.65 -22.98
C SER B 165 2.89 2.66 -22.37
N PHE B 166 1.60 2.97 -22.50
CA PHE B 166 0.56 2.11 -21.99
C PHE B 166 -0.76 2.45 -22.68
N THR B 167 -1.44 1.44 -23.21
CA THR B 167 -2.72 1.66 -23.88
C THR B 167 -3.89 1.40 -22.93
N VAL B 168 -4.67 2.45 -22.68
CA VAL B 168 -5.84 2.34 -21.82
C VAL B 168 -7.02 1.96 -22.72
N GLN B 169 -7.69 0.88 -22.36
CA GLN B 169 -8.81 0.37 -23.14
C GLN B 169 -10.14 0.51 -22.42
N ASP B 170 -11.21 0.14 -23.13
CA ASP B 170 -12.57 0.18 -22.60
C ASP B 170 -13.04 1.58 -22.21
N LEU B 171 -12.62 2.57 -22.97
CA LEU B 171 -13.01 3.95 -22.72
C LEU B 171 -14.24 4.31 -23.58
N LYS B 172 -14.98 5.33 -23.14
CA LYS B 172 -16.16 5.78 -23.86
C LYS B 172 -15.76 6.53 -25.13
N PRO B 173 -16.58 6.44 -26.20
CA PRO B 173 -16.30 7.12 -27.46
C PRO B 173 -16.54 8.63 -27.36
N PHE B 174 -15.83 9.38 -28.20
CA PHE B 174 -15.92 10.85 -28.26
C PHE B 174 -15.97 11.49 -26.87
N THR B 175 -15.05 11.05 -26.01
CA THR B 175 -14.97 11.55 -24.65
C THR B 175 -13.55 12.01 -24.34
N GLU B 176 -13.44 13.13 -23.62
CA GLU B 176 -12.15 13.65 -23.25
C GLU B 176 -11.69 13.04 -21.93
N TYR B 177 -10.47 12.52 -21.93
CA TYR B 177 -9.88 11.90 -20.75
C TYR B 177 -8.62 12.61 -20.31
N VAL B 178 -8.43 12.69 -19.00
CA VAL B 178 -7.25 13.31 -18.38
C VAL B 178 -6.47 12.16 -17.76
N PHE B 179 -5.15 12.22 -17.84
CA PHE B 179 -4.29 11.17 -17.29
C PHE B 179 -3.15 11.74 -16.45
N ARG B 180 -2.62 10.92 -15.57
CA ARG B 180 -1.49 11.29 -14.73
C ARG B 180 -0.80 10.00 -14.31
N ILE B 181 0.49 10.08 -14.05
CA ILE B 181 1.25 8.90 -13.69
C ILE B 181 2.36 9.22 -12.71
N ARG B 182 2.67 8.27 -11.83
CA ARG B 182 3.74 8.42 -10.86
C ARG B 182 4.54 7.11 -10.84
N CYS B 183 5.76 7.16 -10.32
CA CYS B 183 6.58 5.98 -10.29
C CYS B 183 7.46 5.89 -9.04
N MET B 184 8.01 4.69 -8.82
CA MET B 184 8.90 4.43 -7.70
C MET B 184 9.57 3.10 -7.98
N LYS B 185 10.49 2.69 -7.11
CA LYS B 185 11.20 1.43 -7.28
C LYS B 185 10.19 0.30 -7.35
N GLU B 186 10.42 -0.64 -8.27
CA GLU B 186 9.54 -1.79 -8.51
C GLU B 186 9.18 -2.64 -7.29
N ASP B 187 10.11 -2.77 -6.36
CA ASP B 187 9.88 -3.59 -5.18
C ASP B 187 9.10 -2.91 -4.07
N GLY B 188 8.72 -1.65 -4.28
CA GLY B 188 7.96 -0.94 -3.26
C GLY B 188 8.81 -0.35 -2.15
N LYS B 189 10.13 -0.44 -2.30
CA LYS B 189 11.05 0.10 -1.32
C LYS B 189 11.57 1.45 -1.78
N GLY B 190 10.96 2.50 -1.26
CA GLY B 190 11.31 3.86 -1.61
C GLY B 190 10.09 4.75 -1.45
N TYR B 191 10.03 5.83 -2.22
CA TYR B 191 8.90 6.76 -2.14
C TYR B 191 8.31 7.02 -3.52
N TRP B 192 6.98 7.12 -3.58
CA TRP B 192 6.32 7.40 -4.85
C TRP B 192 6.71 8.80 -5.28
N SER B 193 6.93 8.99 -6.57
CA SER B 193 7.26 10.30 -7.08
C SER B 193 5.98 11.13 -7.02
N ASP B 194 6.11 12.43 -7.24
CA ASP B 194 4.92 13.29 -7.28
C ASP B 194 4.21 12.90 -8.58
N TRP B 195 2.96 13.28 -8.73
CA TRP B 195 2.22 12.97 -9.94
C TRP B 195 2.80 13.78 -11.09
N SER B 196 2.85 13.17 -12.26
CA SER B 196 3.35 13.86 -13.44
C SER B 196 2.34 14.96 -13.78
N GLU B 197 2.66 15.76 -14.79
CA GLU B 197 1.74 16.80 -15.24
C GLU B 197 0.59 16.04 -15.86
N GLU B 198 -0.63 16.57 -15.73
CA GLU B 198 -1.79 15.92 -16.33
C GLU B 198 -1.72 16.12 -17.84
N ALA B 199 -2.17 15.09 -18.57
CA ALA B 199 -2.19 15.12 -20.02
C ALA B 199 -3.57 14.64 -20.43
N SER B 200 -4.11 15.22 -21.51
CA SER B 200 -5.44 14.85 -21.98
C SER B 200 -5.48 14.40 -23.43
N GLY B 201 -6.55 13.70 -23.78
CA GLY B 201 -6.75 13.19 -25.12
C GLY B 201 -8.23 12.90 -25.30
N ILE B 202 -8.70 12.88 -26.54
CA ILE B 202 -10.12 12.63 -26.80
C ILE B 202 -10.28 11.40 -27.66
N THR B 203 -11.13 10.46 -27.22
CA THR B 203 -11.36 9.25 -28.00
C THR B 203 -12.12 9.60 -29.27
N TYR B 204 -11.96 8.75 -30.28
CA TYR B 204 -12.63 8.91 -31.58
C TYR B 204 -14.14 8.73 -31.41
N GLU B 205 -14.92 9.18 -32.38
CA GLU B 205 -16.36 8.99 -32.35
C GLU B 205 -16.61 7.53 -32.69
N ASP B 206 -17.70 6.95 -32.20
CA ASP B 206 -18.01 5.56 -32.52
C ASP B 206 -18.72 5.48 -33.86
N ARG B 207 -17.96 5.05 -34.89
CA ARG B 207 -18.49 4.91 -36.24
C ARG B 207 -19.53 3.81 -36.35
N PRO B 208 -19.27 2.65 -35.74
CA PRO B 208 -20.19 1.53 -35.76
C PRO B 208 -21.52 1.87 -35.11
N SER B 209 -21.48 2.69 -34.07
CA SER B 209 -22.69 3.11 -33.36
C SER B 209 -23.50 4.11 -34.19
N LYS B 210 -22.79 5.02 -34.86
CA LYS B 210 -23.43 6.02 -35.71
C LYS B 210 -24.06 5.35 -36.93
N GLU B 211 -23.43 4.26 -37.39
CA GLU B 211 -23.91 3.49 -38.53
C GLU B 211 -25.16 2.72 -38.16
N PRO B 212 -25.09 1.98 -37.05
CA PRO B 212 -26.21 1.18 -36.56
C PRO B 212 -27.42 2.05 -36.19
N SER B 213 -27.16 3.31 -35.87
CA SER B 213 -28.22 4.26 -35.51
C SER B 213 -28.89 4.81 -36.78
N PHE B 214 -28.09 5.03 -37.82
CA PHE B 214 -28.60 5.53 -39.09
C PHE B 214 -29.42 4.44 -39.78
N TRP B 215 -28.99 3.19 -39.62
CA TRP B 215 -29.67 2.04 -40.21
C TRP B 215 -30.98 1.69 -39.50
#